data_5SZF
#
_entry.id   5SZF
#
_cell.length_a   204.213
_cell.length_b   204.213
_cell.length_c   204.213
_cell.angle_alpha   90.00
_cell.angle_beta   90.00
_cell.angle_gamma   90.00
#
_symmetry.space_group_name_H-M   'I 41 3 2'
#
loop_
_entity.id
_entity.type
_entity.pdbx_description
1 polymer '2A10 antibody FAB fragment light chain'
2 polymer '2A10 antibody FAB fragment heavy chain'
3 non-polymer 'SULFATE ION'
4 water water
#
loop_
_entity_poly.entity_id
_entity_poly.type
_entity_poly.pdbx_seq_one_letter_code
_entity_poly.pdbx_strand_id
1 'polypeptide(L)'
;DIQMTQTTSSLSASLGDRVTISCSASQGISNYLNWYQQKPDGTVKLLIFYTSTLYSGVPSRFSGSGSGTDYSLTISNLEP
EDIATYYCQQYSRFPYVFGGGTKLEIKRADAAPTVSIFPPSSEQLTSGGASVVCFLNNFYPKDINVKWKIDGSERQNGVL
NSWTDQDSKDSTYSMSSTLTLTKDEYERHNSYTCEATHKTSTSPIVKSFNRN
;
L
2 'polypeptide(L)'
;QIQLVQSGPELKKPGETVKISCKASGYTFTNYGINWVKQAPGKGLKWMGWINTITEEPTFAEEFTGRFAFSLETSASTAY
LQINNLKNEDTATYFCARGSEFGRLVYWGQGASVTVSSAKTTAPSVYPLAPVCGDTTGSSVTLGCLVKGYFPEPVTLTWN
SGSLSSGVHTFPAVLQSDLYTLSSSVTVTSSTWPSQSITCNVAHPASSTKVDKKIEPRGPT
;
H
#
loop_
_chem_comp.id
_chem_comp.type
_chem_comp.name
_chem_comp.formula
SO4 non-polymer 'SULFATE ION' 'O4 S -2'
#
# COMPACT_ATOMS: atom_id res chain seq x y z
N ASP A 1 14.87 -4.80 -24.63
CA ASP A 1 14.04 -5.29 -23.54
C ASP A 1 12.71 -5.83 -24.05
N ILE A 2 12.24 -6.90 -23.44
CA ILE A 2 10.99 -7.54 -23.84
C ILE A 2 9.82 -7.03 -23.01
N GLN A 3 8.70 -6.74 -23.66
CA GLN A 3 7.51 -6.26 -22.97
C GLN A 3 6.72 -7.41 -22.33
N MET A 4 6.80 -7.52 -21.01
CA MET A 4 6.08 -8.55 -20.27
C MET A 4 4.75 -7.99 -19.77
N THR A 5 3.66 -8.38 -20.42
CA THR A 5 2.35 -7.83 -20.09
C THR A 5 1.40 -8.88 -19.52
N GLN A 6 0.79 -8.56 -18.39
CA GLN A 6 -0.26 -9.39 -17.81
C GLN A 6 -1.61 -8.71 -18.05
N THR A 7 -2.43 -9.35 -18.89
CA THR A 7 -3.66 -8.73 -19.39
C THR A 7 -4.66 -8.37 -18.29
N THR A 8 -4.56 -9.03 -17.15
CA THR A 8 -5.48 -8.76 -16.04
C THR A 8 -4.75 -8.24 -14.82
N SER A 9 -5.10 -7.04 -14.40
CA SER A 9 -4.48 -6.41 -13.23
C SER A 9 -5.19 -6.83 -11.94
N SER A 10 -6.51 -6.89 -12.00
CA SER A 10 -7.31 -7.28 -10.84
C SER A 10 -8.13 -8.53 -11.15
N LEU A 11 -8.15 -9.48 -10.21
CA LEU A 11 -8.87 -10.73 -10.40
C LEU A 11 -9.61 -11.13 -9.13
N SER A 12 -10.87 -11.52 -9.28
CA SER A 12 -11.69 -11.94 -8.15
C SER A 12 -12.10 -13.40 -8.27
N ALA A 13 -12.09 -14.11 -7.14
CA ALA A 13 -12.47 -15.52 -7.12
C ALA A 13 -12.86 -15.97 -5.72
N SER A 14 -13.73 -16.98 -5.65
CA SER A 14 -14.14 -17.54 -4.38
C SER A 14 -13.08 -18.51 -3.85
N LEU A 15 -13.03 -18.67 -2.53
CA LEU A 15 -12.08 -19.59 -1.92
C LEU A 15 -12.42 -21.03 -2.26
N GLY A 16 -11.40 -21.80 -2.62
CA GLY A 16 -11.60 -23.19 -2.99
C GLY A 16 -11.62 -23.41 -4.49
N ASP A 17 -11.87 -22.34 -5.23
CA ASP A 17 -11.93 -22.41 -6.69
C ASP A 17 -10.55 -22.42 -7.32
N ARG A 18 -10.50 -22.74 -8.60
CA ARG A 18 -9.25 -22.74 -9.35
C ARG A 18 -9.05 -21.40 -10.07
N VAL A 19 -7.86 -20.83 -9.92
CA VAL A 19 -7.53 -19.57 -10.58
C VAL A 19 -6.34 -19.72 -11.52
N THR A 20 -6.36 -18.98 -12.62
CA THR A 20 -5.28 -19.01 -13.59
C THR A 20 -4.84 -17.61 -13.96
N ILE A 21 -3.56 -17.31 -13.78
CA ILE A 21 -3.01 -16.00 -14.12
C ILE A 21 -2.08 -16.11 -15.31
N SER A 22 -2.40 -15.36 -16.37
CA SER A 22 -1.64 -15.44 -17.62
C SER A 22 -0.52 -14.40 -17.69
N CYS A 23 0.47 -14.68 -18.52
CA CYS A 23 1.58 -13.77 -18.75
C CYS A 23 2.01 -13.81 -20.21
N SER A 24 1.99 -12.66 -20.86
CA SER A 24 2.33 -12.59 -22.29
C SER A 24 3.62 -11.82 -22.53
N ALA A 25 4.36 -12.23 -23.56
CA ALA A 25 5.61 -11.58 -23.92
C ALA A 25 5.61 -11.18 -25.39
N SER A 26 6.37 -10.15 -25.73
CA SER A 26 6.45 -9.67 -27.11
C SER A 26 7.36 -10.57 -27.94
N GLN A 27 8.24 -11.30 -27.27
CA GLN A 27 9.14 -12.23 -27.93
C GLN A 27 9.10 -13.60 -27.28
N GLY A 28 9.61 -14.61 -27.99
CA GLY A 28 9.70 -15.94 -27.44
C GLY A 28 10.87 -16.06 -26.48
N ILE A 29 10.58 -16.39 -25.23
CA ILE A 29 11.61 -16.46 -24.20
C ILE A 29 12.01 -17.91 -23.90
N SER A 30 11.39 -18.85 -24.61
CA SER A 30 11.75 -20.27 -24.54
C SER A 30 11.73 -20.83 -23.11
N ASN A 31 10.56 -20.81 -22.49
CA ASN A 31 10.35 -21.37 -21.16
C ASN A 31 11.27 -20.83 -20.07
N TYR A 32 11.91 -19.70 -20.33
CA TYR A 32 12.74 -19.05 -19.32
C TYR A 32 11.93 -17.98 -18.61
N LEU A 33 10.90 -18.43 -17.87
CA LEU A 33 10.01 -17.52 -17.17
C LEU A 33 9.83 -17.95 -15.72
N ASN A 34 9.77 -16.97 -14.82
CA ASN A 34 9.59 -17.24 -13.39
C ASN A 34 8.37 -16.52 -12.81
N TRP A 35 7.78 -17.10 -11.79
CA TRP A 35 6.63 -16.50 -11.11
C TRP A 35 6.97 -16.11 -9.68
N TYR A 36 6.50 -14.94 -9.26
CA TYR A 36 6.75 -14.46 -7.90
C TYR A 36 5.46 -14.08 -7.20
N GLN A 37 5.47 -14.14 -5.87
CA GLN A 37 4.30 -13.77 -5.07
C GLN A 37 4.66 -12.64 -4.10
N GLN A 38 3.87 -11.57 -4.13
CA GLN A 38 4.08 -10.47 -3.20
C GLN A 38 2.89 -10.33 -2.26
N LYS A 39 3.06 -10.79 -1.02
CA LYS A 39 2.04 -10.68 0.01
C LYS A 39 1.76 -9.22 0.32
N PRO A 40 0.56 -8.92 0.88
CA PRO A 40 0.15 -7.56 1.21
C PRO A 40 1.17 -6.76 2.03
N ASP A 41 2.01 -7.45 2.81
CA ASP A 41 2.99 -6.78 3.65
C ASP A 41 4.24 -6.38 2.84
N GLY A 42 4.25 -6.74 1.56
CA GLY A 42 5.32 -6.32 0.67
C GLY A 42 6.39 -7.36 0.41
N THR A 43 6.41 -8.41 1.22
CA THR A 43 7.43 -9.46 1.09
C THR A 43 7.27 -10.22 -0.21
N VAL A 44 8.40 -10.47 -0.88
CA VAL A 44 8.40 -11.17 -2.17
C VAL A 44 9.09 -12.52 -2.07
N LYS A 45 8.45 -13.54 -2.62
CA LYS A 45 9.00 -14.90 -2.61
C LYS A 45 8.81 -15.60 -3.95
N LEU A 46 9.79 -16.40 -4.34
CA LEU A 46 9.73 -17.14 -5.59
C LEU A 46 8.82 -18.36 -5.48
N LEU A 47 7.91 -18.49 -6.44
CA LEU A 47 7.00 -19.63 -6.48
C LEU A 47 7.47 -20.66 -7.49
N ILE A 48 7.35 -20.33 -8.76
CA ILE A 48 7.71 -21.24 -9.84
C ILE A 48 8.86 -20.67 -10.67
N PHE A 49 9.93 -21.43 -10.80
CA PHE A 49 11.03 -21.03 -11.66
C PHE A 49 11.15 -22.01 -12.83
N TYR A 50 11.65 -21.52 -13.97
CA TYR A 50 11.72 -22.29 -15.20
C TYR A 50 10.35 -22.87 -15.56
N THR A 51 9.37 -21.97 -15.67
CA THR A 51 8.02 -22.29 -16.15
C THR A 51 7.23 -23.25 -15.26
N SER A 52 7.81 -24.38 -14.91
CA SER A 52 7.09 -25.33 -14.09
C SER A 52 7.70 -25.87 -12.83
N THR A 53 9.00 -25.78 -12.66
CA THR A 53 9.64 -26.28 -11.46
C THR A 53 9.33 -25.53 -10.17
N LEU A 54 8.46 -26.09 -9.35
CA LEU A 54 8.11 -25.51 -8.08
C LEU A 54 9.34 -25.34 -7.25
N TYR A 55 9.46 -24.21 -6.60
CA TYR A 55 10.61 -23.90 -5.76
C TYR A 55 10.46 -24.56 -4.39
N SER A 56 11.59 -24.76 -3.70
CA SER A 56 11.59 -25.39 -2.39
C SER A 56 10.78 -24.63 -1.36
N GLY A 57 9.67 -25.23 -0.92
CA GLY A 57 8.82 -24.63 0.09
C GLY A 57 7.50 -24.12 -0.46
N VAL A 58 7.24 -24.43 -1.73
CA VAL A 58 6.00 -23.99 -2.38
C VAL A 58 4.99 -25.13 -2.46
N PRO A 59 3.76 -24.88 -1.97
CA PRO A 59 2.66 -25.86 -1.98
C PRO A 59 2.43 -26.48 -3.36
N SER A 60 2.03 -27.74 -3.38
CA SER A 60 1.86 -28.49 -4.62
C SER A 60 0.65 -28.03 -5.43
N ARG A 61 -0.21 -27.23 -4.81
CA ARG A 61 -1.39 -26.71 -5.48
C ARG A 61 -1.03 -25.54 -6.40
N PHE A 62 0.24 -25.14 -6.37
CA PHE A 62 0.75 -24.15 -7.33
C PHE A 62 1.33 -24.87 -8.54
N SER A 63 1.02 -24.35 -9.73
CA SER A 63 1.52 -24.95 -10.97
C SER A 63 1.65 -23.90 -12.07
N GLY A 64 2.64 -24.09 -12.94
CA GLY A 64 2.87 -23.18 -14.04
C GLY A 64 3.05 -23.91 -15.35
N SER A 65 2.58 -23.29 -16.43
CA SER A 65 2.69 -23.89 -17.76
C SER A 65 2.88 -22.82 -18.83
N GLY A 66 3.06 -23.26 -20.07
CA GLY A 66 3.22 -22.34 -21.18
C GLY A 66 4.46 -22.60 -22.01
N SER A 67 4.53 -21.98 -23.18
CA SER A 67 5.67 -22.13 -24.06
C SER A 67 5.73 -20.99 -25.08
N GLY A 68 6.94 -20.58 -25.44
CA GLY A 68 7.12 -19.52 -26.41
C GLY A 68 6.91 -18.13 -25.83
N THR A 69 5.72 -17.58 -26.02
CA THR A 69 5.41 -16.23 -25.57
C THR A 69 4.32 -16.21 -24.51
N ASP A 70 3.48 -17.23 -24.49
CA ASP A 70 2.36 -17.29 -23.56
C ASP A 70 2.61 -18.27 -22.41
N TYR A 71 2.46 -17.78 -21.19
CA TYR A 71 2.65 -18.59 -20.00
C TYR A 71 1.55 -18.33 -18.98
N SER A 72 1.35 -19.26 -18.05
CA SER A 72 0.26 -19.14 -17.09
C SER A 72 0.60 -19.74 -15.73
N LEU A 73 0.10 -19.10 -14.67
CA LEU A 73 0.24 -19.61 -13.31
C LEU A 73 -1.11 -20.08 -12.82
N THR A 74 -1.15 -21.27 -12.21
CA THR A 74 -2.41 -21.86 -11.79
C THR A 74 -2.41 -22.29 -10.33
N ILE A 75 -3.46 -21.89 -9.61
CA ILE A 75 -3.68 -22.32 -8.23
C ILE A 75 -4.97 -23.11 -8.15
N SER A 76 -4.85 -24.42 -7.89
CA SER A 76 -6.01 -25.31 -7.88
C SER A 76 -6.97 -25.00 -6.73
N ASN A 77 -6.51 -25.20 -5.50
CA ASN A 77 -7.34 -24.95 -4.33
C ASN A 77 -7.00 -23.62 -3.69
N LEU A 78 -7.72 -22.57 -4.08
CA LEU A 78 -7.44 -21.22 -3.61
C LEU A 78 -7.65 -21.08 -2.10
N GLU A 79 -6.60 -20.64 -1.41
CA GLU A 79 -6.65 -20.46 0.03
C GLU A 79 -6.44 -18.99 0.39
N PRO A 80 -6.96 -18.57 1.56
CA PRO A 80 -6.88 -17.17 1.99
C PRO A 80 -5.46 -16.59 2.04
N GLU A 81 -4.45 -17.45 2.22
CA GLU A 81 -3.08 -16.98 2.27
C GLU A 81 -2.48 -16.78 0.88
N ASP A 82 -3.23 -17.18 -0.14
CA ASP A 82 -2.78 -17.02 -1.53
C ASP A 82 -3.17 -15.65 -2.07
N ILE A 83 -3.91 -14.89 -1.28
CA ILE A 83 -4.33 -13.55 -1.68
C ILE A 83 -3.14 -12.61 -1.72
N ALA A 84 -2.65 -12.33 -2.92
CA ALA A 84 -1.46 -11.50 -3.11
C ALA A 84 -1.37 -10.99 -4.54
N THR A 85 -0.25 -10.38 -4.86
CA THR A 85 0.00 -9.91 -6.22
C THR A 85 1.10 -10.75 -6.87
N TYR A 86 0.83 -11.27 -8.06
CA TYR A 86 1.75 -12.19 -8.71
C TYR A 86 2.41 -11.57 -9.94
N TYR A 87 3.73 -11.68 -10.00
CA TYR A 87 4.51 -11.12 -11.10
C TYR A 87 5.21 -12.21 -11.90
N CYS A 88 5.22 -12.05 -13.23
CA CYS A 88 5.97 -12.95 -14.09
C CYS A 88 7.28 -12.29 -14.52
N GLN A 89 8.33 -13.10 -14.64
CA GLN A 89 9.65 -12.57 -14.97
C GLN A 89 10.37 -13.44 -16.00
N GLN A 90 10.85 -12.83 -17.07
CA GLN A 90 11.60 -13.55 -18.09
C GLN A 90 13.10 -13.38 -17.86
N TYR A 91 13.88 -14.36 -18.31
CA TYR A 91 15.33 -14.28 -18.20
C TYR A 91 16.04 -14.91 -19.40
N SER A 92 15.38 -14.89 -20.55
CA SER A 92 15.98 -15.40 -21.78
C SER A 92 17.17 -14.53 -22.20
N ARG A 93 16.91 -13.23 -22.33
CA ARG A 93 17.92 -12.26 -22.71
C ARG A 93 17.86 -10.97 -21.87
N PHE A 94 19.02 -10.48 -21.44
CA PHE A 94 19.08 -9.27 -20.62
C PHE A 94 18.56 -8.05 -21.35
N PRO A 95 17.93 -7.10 -20.63
CA PRO A 95 17.74 -7.14 -19.17
C PRO A 95 16.43 -7.83 -18.77
N TYR A 96 16.39 -8.30 -17.52
CA TYR A 96 15.19 -8.96 -17.00
C TYR A 96 14.03 -7.98 -16.90
N VAL A 97 12.81 -8.46 -17.17
CA VAL A 97 11.63 -7.61 -17.10
C VAL A 97 10.48 -8.29 -16.36
N PHE A 98 9.95 -7.63 -15.34
CA PHE A 98 8.78 -8.12 -14.62
C PHE A 98 7.50 -7.78 -15.38
N GLY A 99 6.43 -8.49 -15.06
CA GLY A 99 5.12 -8.21 -15.64
C GLY A 99 4.43 -7.09 -14.89
N GLY A 100 3.25 -6.71 -15.36
CA GLY A 100 2.48 -5.66 -14.71
C GLY A 100 1.99 -6.06 -13.34
N GLY A 101 1.81 -7.36 -13.14
CA GLY A 101 1.36 -7.88 -11.86
C GLY A 101 -0.14 -8.02 -11.79
N THR A 102 -0.60 -9.14 -11.23
CA THR A 102 -2.02 -9.40 -11.09
C THR A 102 -2.42 -9.53 -9.62
N LYS A 103 -3.31 -8.63 -9.18
CA LYS A 103 -3.78 -8.65 -7.81
C LYS A 103 -4.91 -9.65 -7.64
N LEU A 104 -4.79 -10.54 -6.66
CA LEU A 104 -5.80 -11.56 -6.41
C LEU A 104 -6.69 -11.13 -5.24
N GLU A 105 -8.00 -11.27 -5.42
CA GLU A 105 -8.96 -10.83 -4.41
C GLU A 105 -10.09 -11.84 -4.22
N ILE A 106 -10.60 -11.92 -3.00
CA ILE A 106 -11.65 -12.88 -2.65
C ILE A 106 -13.03 -12.40 -3.09
N LYS A 107 -13.79 -13.28 -3.72
CA LYS A 107 -15.16 -12.97 -4.11
C LYS A 107 -16.13 -13.30 -2.98
N ARG A 108 -17.09 -12.41 -2.75
CA ARG A 108 -18.07 -12.61 -1.69
C ARG A 108 -19.43 -12.02 -2.09
N ALA A 109 -20.39 -12.11 -1.17
CA ALA A 109 -21.71 -11.53 -1.40
C ALA A 109 -21.64 -10.01 -1.34
N ASP A 110 -22.41 -9.35 -2.20
CA ASP A 110 -22.43 -7.89 -2.25
C ASP A 110 -23.00 -7.30 -0.95
N ALA A 111 -22.38 -6.22 -0.49
CA ALA A 111 -22.80 -5.58 0.75
C ALA A 111 -22.88 -4.06 0.60
N ALA A 112 -23.91 -3.46 1.16
CA ALA A 112 -24.08 -2.01 1.11
C ALA A 112 -23.12 -1.33 2.07
N PRO A 113 -22.58 -0.16 1.66
CA PRO A 113 -21.65 0.59 2.49
C PRO A 113 -22.32 1.24 3.70
N THR A 114 -21.61 1.30 4.82
CA THR A 114 -22.11 1.99 6.00
C THR A 114 -21.55 3.41 6.03
N VAL A 115 -22.36 4.36 5.60
CA VAL A 115 -21.91 5.74 5.46
C VAL A 115 -22.02 6.52 6.76
N SER A 116 -20.91 7.12 7.18
CA SER A 116 -20.89 7.95 8.39
C SER A 116 -20.21 9.29 8.10
N ILE A 117 -20.89 10.38 8.46
CA ILE A 117 -20.34 11.71 8.23
C ILE A 117 -19.94 12.35 9.56
N PHE A 118 -18.88 13.13 9.55
CA PHE A 118 -18.35 13.73 10.76
C PHE A 118 -18.05 15.22 10.57
N PRO A 119 -18.51 16.05 11.51
CA PRO A 119 -18.21 17.48 11.53
C PRO A 119 -16.78 17.74 11.97
N PRO A 120 -16.22 18.91 11.60
CA PRO A 120 -14.88 19.30 12.04
C PRO A 120 -14.78 19.34 13.57
N SER A 121 -13.68 18.80 14.10
CA SER A 121 -13.47 18.78 15.55
C SER A 121 -13.33 20.19 16.10
N SER A 122 -13.79 20.39 17.33
CA SER A 122 -13.69 21.70 17.97
C SER A 122 -12.23 22.05 18.27
N GLU A 123 -11.40 21.02 18.36
CA GLU A 123 -9.97 21.21 18.59
C GLU A 123 -9.28 21.65 17.30
N GLN A 124 -9.82 21.23 16.16
CA GLN A 124 -9.27 21.59 14.87
C GLN A 124 -9.70 23.00 14.47
N LEU A 125 -10.93 23.36 14.82
CA LEU A 125 -11.48 24.67 14.52
C LEU A 125 -10.69 25.78 15.20
N THR A 126 -10.08 25.47 16.35
CA THR A 126 -9.25 26.43 17.07
C THR A 126 -7.93 26.64 16.35
N SER A 127 -7.55 25.68 15.51
CA SER A 127 -6.30 25.77 14.77
C SER A 127 -6.53 26.36 13.37
N GLY A 128 -7.76 26.75 13.10
CA GLY A 128 -8.10 27.37 11.83
C GLY A 128 -8.54 26.37 10.77
N GLY A 129 -8.35 25.09 11.06
CA GLY A 129 -8.71 24.04 10.12
C GLY A 129 -10.10 23.51 10.35
N ALA A 130 -10.66 22.87 9.33
CA ALA A 130 -12.01 22.31 9.42
C ALA A 130 -12.22 21.19 8.40
N SER A 131 -11.82 19.98 8.77
CA SER A 131 -11.95 18.83 7.88
C SER A 131 -13.27 18.10 8.10
N VAL A 132 -14.02 17.89 7.02
CA VAL A 132 -15.27 17.13 7.08
C VAL A 132 -15.04 15.72 6.55
N VAL A 133 -15.11 14.74 7.44
CA VAL A 133 -14.77 13.36 7.11
C VAL A 133 -16.01 12.50 6.85
N CYS A 134 -15.96 11.71 5.77
CA CYS A 134 -17.05 10.80 5.43
C CYS A 134 -16.52 9.37 5.30
N PHE A 135 -16.98 8.49 6.18
CA PHE A 135 -16.55 7.09 6.16
C PHE A 135 -17.54 6.22 5.39
N LEU A 136 -17.01 5.39 4.50
CA LEU A 136 -17.82 4.43 3.76
C LEU A 136 -17.25 3.03 3.96
N ASN A 137 -17.76 2.33 4.98
CA ASN A 137 -17.12 1.10 5.45
C ASN A 137 -17.84 -0.19 5.05
N ASN A 138 -17.04 -1.22 4.80
CA ASN A 138 -17.53 -2.59 4.60
C ASN A 138 -18.55 -2.74 3.48
N PHE A 139 -18.11 -2.54 2.24
CA PHE A 139 -18.98 -2.73 1.10
C PHE A 139 -18.37 -3.66 0.05
N TYR A 140 -19.23 -4.21 -0.80
CA TYR A 140 -18.79 -5.07 -1.90
C TYR A 140 -19.80 -4.96 -3.04
N PRO A 141 -19.30 -4.88 -4.29
CA PRO A 141 -17.90 -4.96 -4.73
C PRO A 141 -17.08 -3.70 -4.45
N LYS A 142 -15.86 -3.68 -4.98
CA LYS A 142 -14.91 -2.61 -4.74
C LYS A 142 -15.31 -1.30 -5.41
N ASP A 143 -15.93 -1.41 -6.59
CA ASP A 143 -16.31 -0.24 -7.37
C ASP A 143 -17.36 0.62 -6.65
N ILE A 144 -17.07 1.91 -6.55
CA ILE A 144 -17.95 2.84 -5.84
C ILE A 144 -17.56 4.29 -6.15
N ASN A 145 -18.55 5.17 -6.22
CA ASN A 145 -18.31 6.58 -6.50
C ASN A 145 -18.92 7.49 -5.45
N VAL A 146 -18.15 8.48 -4.99
CA VAL A 146 -18.63 9.42 -3.99
C VAL A 146 -18.86 10.80 -4.61
N LYS A 147 -19.72 11.58 -3.97
CA LYS A 147 -20.03 12.93 -4.46
C LYS A 147 -20.30 13.89 -3.30
N TRP A 148 -19.46 14.91 -3.17
CA TRP A 148 -19.66 15.93 -2.15
C TRP A 148 -20.51 17.08 -2.68
N LYS A 149 -21.80 17.03 -2.39
CA LYS A 149 -22.70 18.13 -2.75
C LYS A 149 -22.76 19.16 -1.63
N ILE A 150 -22.43 20.40 -1.96
CA ILE A 150 -22.48 21.49 -1.00
C ILE A 150 -23.49 22.55 -1.47
N ASP A 151 -24.49 22.79 -0.63
CA ASP A 151 -25.62 23.64 -1.00
C ASP A 151 -26.25 23.18 -2.31
N GLY A 152 -26.44 21.87 -2.43
CA GLY A 152 -27.06 21.28 -3.61
C GLY A 152 -26.16 21.23 -4.83
N SER A 153 -24.99 21.86 -4.73
CA SER A 153 -24.03 21.89 -5.83
C SER A 153 -22.85 20.98 -5.53
N GLU A 154 -22.44 20.20 -6.54
CA GLU A 154 -21.35 19.24 -6.39
C GLU A 154 -20.01 19.94 -6.19
N ARG A 155 -19.31 19.55 -5.14
CA ARG A 155 -17.97 20.07 -4.86
C ARG A 155 -16.91 19.16 -5.46
N GLN A 156 -16.25 19.63 -6.52
CA GLN A 156 -15.28 18.80 -7.24
C GLN A 156 -13.91 18.79 -6.58
N ASN A 157 -13.31 19.98 -6.45
CA ASN A 157 -11.98 20.11 -5.88
C ASN A 157 -12.00 20.16 -4.36
N GLY A 158 -10.88 19.81 -3.75
CA GLY A 158 -10.74 19.86 -2.30
C GLY A 158 -11.10 18.55 -1.64
N VAL A 159 -11.39 17.54 -2.45
CA VAL A 159 -11.78 16.23 -1.93
C VAL A 159 -10.59 15.30 -1.79
N LEU A 160 -10.34 14.83 -0.57
CA LEU A 160 -9.23 13.92 -0.29
C LEU A 160 -9.74 12.52 0.00
N ASN A 161 -9.41 11.58 -0.87
CA ASN A 161 -9.91 10.21 -0.74
C ASN A 161 -8.83 9.20 -0.36
N SER A 162 -9.24 8.16 0.36
CA SER A 162 -8.34 7.08 0.73
C SER A 162 -9.06 5.74 0.69
N TRP A 163 -8.48 4.77 -0.02
CA TRP A 163 -9.08 3.45 -0.15
C TRP A 163 -8.25 2.38 0.55
N THR A 164 -8.92 1.47 1.24
CA THR A 164 -8.24 0.35 1.87
C THR A 164 -8.16 -0.83 0.91
N ASP A 165 -7.25 -1.74 1.18
CA ASP A 165 -7.21 -3.00 0.46
C ASP A 165 -8.37 -3.86 0.92
N GLN A 166 -8.56 -5.03 0.29
CA GLN A 166 -9.63 -5.92 0.69
C GLN A 166 -9.39 -6.37 2.13
N ASP A 167 -10.43 -6.28 2.96
CA ASP A 167 -10.33 -6.62 4.36
C ASP A 167 -9.94 -8.08 4.55
N SER A 168 -8.99 -8.34 5.44
CA SER A 168 -8.47 -9.67 5.65
C SER A 168 -9.49 -10.59 6.32
N LYS A 169 -10.48 -10.00 6.97
CA LYS A 169 -11.44 -10.77 7.75
C LYS A 169 -12.74 -11.06 7.00
N ASP A 170 -13.45 -10.01 6.57
CA ASP A 170 -14.74 -10.20 5.92
C ASP A 170 -14.70 -9.92 4.41
N SER A 171 -13.49 -9.72 3.88
CA SER A 171 -13.26 -9.52 2.45
C SER A 171 -14.04 -8.34 1.85
N THR A 172 -14.34 -7.34 2.68
CA THR A 172 -15.06 -6.17 2.20
C THR A 172 -14.10 -5.02 1.90
N TYR A 173 -14.65 -3.88 1.49
CA TYR A 173 -13.84 -2.70 1.18
C TYR A 173 -14.34 -1.48 1.95
N SER A 174 -13.45 -0.51 2.14
CA SER A 174 -13.80 0.72 2.86
C SER A 174 -13.10 1.93 2.25
N MET A 175 -13.75 3.09 2.35
CA MET A 175 -13.19 4.33 1.81
C MET A 175 -13.37 5.49 2.78
N SER A 176 -12.36 6.36 2.84
CA SER A 176 -12.43 7.56 3.66
C SER A 176 -12.34 8.81 2.78
N SER A 177 -13.45 9.52 2.65
CA SER A 177 -13.48 10.75 1.87
C SER A 177 -13.51 11.97 2.77
N THR A 178 -12.50 12.82 2.65
CA THR A 178 -12.37 13.98 3.51
C THR A 178 -12.43 15.29 2.73
N LEU A 179 -13.35 16.17 3.14
CA LEU A 179 -13.46 17.49 2.53
C LEU A 179 -12.57 18.48 3.29
N THR A 180 -11.34 18.65 2.82
CA THR A 180 -10.35 19.46 3.52
C THR A 180 -10.43 20.93 3.12
N LEU A 181 -10.73 21.79 4.10
CA LEU A 181 -10.81 23.22 3.88
C LEU A 181 -10.72 23.97 5.21
N THR A 182 -10.42 25.26 5.14
CA THR A 182 -10.21 26.07 6.35
C THR A 182 -11.51 26.41 7.07
N LYS A 183 -11.39 27.01 8.25
CA LYS A 183 -12.55 27.37 9.07
C LYS A 183 -13.40 28.44 8.39
N ASP A 184 -12.73 29.37 7.71
CA ASP A 184 -13.43 30.43 6.99
C ASP A 184 -14.28 29.88 5.87
N GLU A 185 -13.72 28.91 5.13
CA GLU A 185 -14.44 28.26 4.05
C GLU A 185 -15.57 27.38 4.58
N TYR A 186 -15.39 26.89 5.80
CA TYR A 186 -16.36 26.00 6.43
C TYR A 186 -17.58 26.76 6.93
N GLU A 187 -17.41 28.05 7.20
CA GLU A 187 -18.48 28.87 7.74
C GLU A 187 -19.17 29.70 6.65
N ARG A 188 -18.70 29.55 5.41
CA ARG A 188 -19.28 30.26 4.27
C ARG A 188 -20.53 29.56 3.76
N HIS A 189 -20.64 28.26 4.07
CA HIS A 189 -21.80 27.50 3.65
C HIS A 189 -22.41 26.76 4.84
N ASN A 190 -23.53 26.06 4.59
CA ASN A 190 -24.25 25.40 5.67
C ASN A 190 -25.10 24.22 5.19
N SER A 191 -24.52 23.39 4.33
CA SER A 191 -25.19 22.19 3.84
C SER A 191 -24.17 21.20 3.27
N TYR A 192 -23.62 20.37 4.15
CA TYR A 192 -22.60 19.40 3.75
C TYR A 192 -23.17 18.00 3.65
N THR A 193 -23.32 17.51 2.41
CA THR A 193 -23.87 16.19 2.17
C THR A 193 -22.81 15.23 1.64
N CYS A 194 -23.11 13.94 1.67
CA CYS A 194 -22.17 12.91 1.24
C CYS A 194 -22.89 11.77 0.51
N GLU A 195 -22.92 11.85 -0.82
CA GLU A 195 -23.62 10.85 -1.62
C GLU A 195 -22.73 9.64 -1.92
N ALA A 196 -23.27 8.46 -1.69
CA ALA A 196 -22.55 7.21 -1.94
C ALA A 196 -23.25 6.38 -3.03
N THR A 197 -22.68 6.41 -4.23
CA THR A 197 -23.25 5.65 -5.35
C THR A 197 -22.59 4.29 -5.45
N HIS A 198 -23.37 3.23 -5.20
CA HIS A 198 -22.85 1.88 -5.21
C HIS A 198 -23.80 0.92 -5.93
N LYS A 199 -23.27 -0.23 -6.34
CA LYS A 199 -24.03 -1.25 -7.07
C LYS A 199 -25.24 -1.75 -6.30
N THR A 200 -25.11 -1.84 -4.97
CA THR A 200 -26.14 -2.44 -4.12
C THR A 200 -27.45 -1.65 -4.09
N SER A 201 -27.44 -0.42 -4.62
CA SER A 201 -28.63 0.42 -4.59
C SER A 201 -28.79 1.25 -5.85
N THR A 202 -30.03 1.36 -6.33
CA THR A 202 -30.35 2.23 -7.46
C THR A 202 -30.10 3.69 -7.09
N SER A 203 -30.72 4.14 -6.01
CA SER A 203 -30.50 5.48 -5.49
C SER A 203 -29.36 5.46 -4.48
N PRO A 204 -28.47 6.46 -4.56
CA PRO A 204 -27.28 6.53 -3.71
C PRO A 204 -27.61 6.81 -2.24
N ILE A 205 -26.78 6.30 -1.34
CA ILE A 205 -26.94 6.52 0.08
C ILE A 205 -26.43 7.92 0.46
N VAL A 206 -27.25 8.66 1.19
CA VAL A 206 -26.91 10.05 1.52
C VAL A 206 -26.86 10.31 3.03
N LYS A 207 -25.69 10.73 3.51
CA LYS A 207 -25.52 11.17 4.88
C LYS A 207 -25.12 12.65 4.89
N SER A 208 -25.70 13.42 5.79
CA SER A 208 -25.43 14.86 5.83
C SER A 208 -25.65 15.46 7.22
N PHE A 209 -25.11 16.65 7.42
CA PHE A 209 -25.30 17.40 8.66
C PHE A 209 -25.26 18.89 8.39
N ASN A 210 -25.46 19.69 9.43
CA ASN A 210 -25.44 21.14 9.30
C ASN A 210 -25.08 21.83 10.61
N ARG A 211 -24.21 22.83 10.52
CA ARG A 211 -23.77 23.57 11.71
C ARG A 211 -24.74 24.68 12.08
N ASN A 212 -26.01 24.31 12.24
CA ASN A 212 -27.05 25.27 12.60
C ASN A 212 -26.95 25.68 14.06
N GLN B 1 19.49 -20.06 6.65
CA GLN B 1 20.41 -19.12 7.27
C GLN B 1 20.75 -17.98 6.31
N ILE B 2 20.51 -18.21 5.02
CA ILE B 2 20.76 -17.21 4.00
C ILE B 2 19.83 -16.02 4.15
N GLN B 3 20.41 -14.83 4.31
CA GLN B 3 19.63 -13.61 4.52
C GLN B 3 20.30 -12.39 3.90
N LEU B 4 19.47 -11.46 3.41
CA LEU B 4 19.97 -10.19 2.88
C LEU B 4 19.43 -9.04 3.70
N VAL B 5 20.31 -8.40 4.48
CA VAL B 5 19.91 -7.31 5.35
C VAL B 5 20.17 -5.94 4.69
N GLN B 6 19.13 -5.13 4.60
CA GLN B 6 19.25 -3.81 3.99
C GLN B 6 19.19 -2.71 5.04
N SER B 7 19.65 -1.52 4.66
CA SER B 7 19.64 -0.37 5.55
C SER B 7 18.22 0.15 5.76
N GLY B 8 18.06 1.06 6.72
CA GLY B 8 16.75 1.59 7.06
C GLY B 8 16.22 2.59 6.05
N PRO B 9 15.03 3.16 6.33
CA PRO B 9 14.38 4.17 5.49
C PRO B 9 15.24 5.41 5.29
N GLU B 10 15.12 6.06 4.14
CA GLU B 10 15.93 7.23 3.83
C GLU B 10 15.06 8.45 3.52
N LEU B 11 15.51 9.61 3.98
CA LEU B 11 14.81 10.87 3.75
C LEU B 11 15.76 11.89 3.12
N LYS B 12 15.54 12.20 1.85
CA LYS B 12 16.43 13.10 1.13
C LYS B 12 15.67 14.17 0.35
N LYS B 13 16.34 15.31 0.14
CA LYS B 13 15.81 16.38 -0.69
C LYS B 13 16.03 16.05 -2.16
N PRO B 14 15.28 16.71 -3.06
CA PRO B 14 15.57 16.57 -4.49
C PRO B 14 16.99 17.04 -4.83
N GLY B 15 17.74 16.20 -5.54
CA GLY B 15 19.08 16.57 -5.96
C GLY B 15 20.16 15.99 -5.06
N GLU B 16 19.76 15.38 -3.95
CA GLU B 16 20.72 14.78 -3.02
C GLU B 16 21.10 13.37 -3.44
N THR B 17 21.98 12.75 -2.64
CA THR B 17 22.47 11.41 -2.91
C THR B 17 22.03 10.44 -1.81
N VAL B 18 21.60 9.25 -2.22
CA VAL B 18 21.21 8.22 -1.26
C VAL B 18 22.03 6.94 -1.49
N LYS B 19 22.45 6.30 -0.41
CA LYS B 19 23.21 5.06 -0.50
C LYS B 19 22.51 3.94 0.28
N ILE B 20 22.21 2.85 -0.41
CA ILE B 20 21.53 1.72 0.21
C ILE B 20 22.42 0.49 0.24
N SER B 21 22.59 -0.09 1.44
CA SER B 21 23.45 -1.25 1.62
C SER B 21 22.65 -2.55 1.65
N CYS B 22 23.32 -3.65 1.29
CA CYS B 22 22.69 -4.96 1.28
C CYS B 22 23.64 -6.02 1.85
N LYS B 23 23.60 -6.18 3.17
CA LYS B 23 24.46 -7.15 3.85
C LYS B 23 24.07 -8.59 3.52
N ALA B 24 25.01 -9.34 2.96
CA ALA B 24 24.78 -10.74 2.64
C ALA B 24 25.43 -11.65 3.69
N SER B 25 24.70 -12.67 4.12
CA SER B 25 25.20 -13.59 5.14
C SER B 25 24.56 -14.97 5.02
N GLY B 26 25.22 -15.96 5.63
CA GLY B 26 24.70 -17.32 5.62
C GLY B 26 25.19 -18.13 4.44
N TYR B 27 26.08 -17.55 3.64
CA TYR B 27 26.65 -18.23 2.49
C TYR B 27 27.92 -17.56 2.02
N THR B 28 28.55 -18.14 1.01
CA THR B 28 29.73 -17.55 0.41
C THR B 28 29.33 -16.38 -0.49
N PHE B 29 29.75 -15.18 -0.10
CA PHE B 29 29.33 -13.95 -0.77
C PHE B 29 29.75 -13.87 -2.23
N THR B 30 30.89 -14.48 -2.55
CA THR B 30 31.45 -14.36 -3.90
C THR B 30 30.94 -15.43 -4.86
N ASN B 31 29.98 -16.24 -4.39
CA ASN B 31 29.45 -17.33 -5.20
C ASN B 31 28.22 -16.93 -6.02
N TYR B 32 27.50 -15.90 -5.55
CA TYR B 32 26.31 -15.44 -6.26
C TYR B 32 26.34 -13.92 -6.44
N GLY B 33 25.50 -13.42 -7.33
CA GLY B 33 25.41 -11.99 -7.56
C GLY B 33 24.21 -11.39 -6.84
N ILE B 34 24.16 -10.07 -6.79
CA ILE B 34 23.06 -9.37 -6.13
C ILE B 34 22.24 -8.57 -7.14
N ASN B 35 20.93 -8.78 -7.14
CA ASN B 35 20.03 -8.03 -7.99
C ASN B 35 19.38 -6.87 -7.24
N TRP B 36 19.00 -5.83 -7.96
CA TRP B 36 18.31 -4.70 -7.37
C TRP B 36 16.96 -4.47 -8.06
N VAL B 37 15.92 -4.31 -7.25
CA VAL B 37 14.57 -4.13 -7.77
C VAL B 37 13.90 -2.89 -7.19
N LYS B 38 13.39 -2.03 -8.06
CA LYS B 38 12.67 -0.83 -7.65
C LYS B 38 11.15 -1.06 -7.68
N GLN B 39 10.46 -0.53 -6.68
CA GLN B 39 9.00 -0.58 -6.66
C GLN B 39 8.41 0.71 -6.11
N ALA B 40 7.85 1.51 -7.01
CA ALA B 40 7.15 2.74 -6.60
C ALA B 40 5.88 2.37 -5.85
N PRO B 41 5.45 3.22 -4.90
CA PRO B 41 4.25 2.96 -4.11
C PRO B 41 3.00 2.77 -4.97
N GLY B 42 2.43 1.57 -4.94
CA GLY B 42 1.25 1.25 -5.72
C GLY B 42 1.58 0.70 -7.09
N LYS B 43 2.87 0.71 -7.44
CA LYS B 43 3.31 0.24 -8.74
C LYS B 43 3.88 -1.18 -8.66
N GLY B 44 4.28 -1.72 -9.80
CA GLY B 44 4.83 -3.05 -9.87
C GLY B 44 6.34 -3.09 -9.72
N LEU B 45 6.89 -4.30 -9.65
CA LEU B 45 8.33 -4.48 -9.48
C LEU B 45 9.07 -4.15 -10.77
N LYS B 46 10.17 -3.41 -10.64
CA LYS B 46 11.01 -3.07 -11.78
C LYS B 46 12.44 -3.56 -11.57
N TRP B 47 12.89 -4.45 -12.45
CA TRP B 47 14.25 -4.99 -12.36
C TRP B 47 15.26 -3.92 -12.78
N MET B 48 15.99 -3.40 -11.81
CA MET B 48 16.97 -2.34 -12.06
C MET B 48 18.23 -2.91 -12.69
N GLY B 49 18.72 -4.01 -12.13
CA GLY B 49 19.93 -4.65 -12.62
C GLY B 49 20.61 -5.49 -11.56
N TRP B 50 21.74 -6.08 -11.92
CA TRP B 50 22.50 -6.91 -10.98
C TRP B 50 23.98 -6.58 -11.05
N ILE B 51 24.73 -7.01 -10.03
CA ILE B 51 26.17 -6.77 -10.00
C ILE B 51 26.92 -8.06 -9.69
N ASN B 52 27.95 -8.33 -10.48
CA ASN B 52 28.80 -9.49 -10.28
C ASN B 52 29.65 -9.32 -9.02
N THR B 53 29.59 -10.28 -8.11
CA THR B 53 30.29 -10.14 -6.83
C THR B 53 31.77 -10.51 -6.92
N ILE B 54 32.22 -10.91 -8.10
CA ILE B 54 33.63 -11.23 -8.31
C ILE B 54 34.33 -10.12 -9.09
N THR B 55 33.76 -9.73 -10.21
CA THR B 55 34.36 -8.72 -11.08
C THR B 55 33.88 -7.31 -10.72
N GLU B 56 32.93 -7.23 -9.80
CA GLU B 56 32.35 -5.96 -9.35
C GLU B 56 31.77 -5.15 -10.50
N GLU B 57 31.27 -5.85 -11.52
CA GLU B 57 30.73 -5.20 -12.70
C GLU B 57 29.21 -5.24 -12.71
N PRO B 58 28.57 -4.07 -12.82
CA PRO B 58 27.11 -3.96 -12.84
C PRO B 58 26.52 -4.16 -14.23
N THR B 59 25.23 -4.51 -14.27
CA THR B 59 24.48 -4.63 -15.51
C THR B 59 23.12 -3.98 -15.35
N PHE B 60 23.00 -2.72 -15.76
CA PHE B 60 21.78 -1.94 -15.54
C PHE B 60 20.73 -2.21 -16.60
N ALA B 61 19.50 -1.82 -16.30
CA ALA B 61 18.40 -1.92 -17.26
C ALA B 61 18.36 -0.68 -18.14
N GLU B 62 17.21 -0.44 -18.77
CA GLU B 62 17.08 0.65 -19.73
C GLU B 62 17.11 2.03 -19.07
N GLU B 63 16.23 2.24 -18.09
CA GLU B 63 16.02 3.56 -17.52
C GLU B 63 16.93 3.88 -16.35
N PHE B 64 17.66 2.90 -15.85
CA PHE B 64 18.48 3.09 -14.67
C PHE B 64 19.96 3.29 -15.00
N THR B 65 20.22 4.04 -16.07
CA THR B 65 21.59 4.37 -16.47
C THR B 65 21.85 5.87 -16.37
N GLY B 66 22.88 6.24 -15.61
CA GLY B 66 23.25 7.63 -15.46
C GLY B 66 23.37 8.08 -14.02
N ARG B 67 22.26 8.03 -13.29
CA ARG B 67 22.23 8.49 -11.91
C ARG B 67 22.25 7.34 -10.92
N PHE B 68 22.40 6.12 -11.43
CA PHE B 68 22.38 4.93 -10.60
C PHE B 68 23.71 4.19 -10.67
N ALA B 69 24.11 3.58 -9.55
CA ALA B 69 25.39 2.89 -9.49
C ALA B 69 25.34 1.69 -8.55
N PHE B 70 25.85 0.55 -9.03
CA PHE B 70 25.97 -0.63 -8.21
C PHE B 70 27.40 -0.74 -7.69
N SER B 71 27.54 -1.02 -6.40
CA SER B 71 28.85 -1.14 -5.78
C SER B 71 28.83 -2.20 -4.69
N LEU B 72 30.02 -2.63 -4.26
CA LEU B 72 30.11 -3.62 -3.19
C LEU B 72 31.45 -3.56 -2.47
N GLU B 73 31.48 -4.10 -1.26
CA GLU B 73 32.71 -4.26 -0.51
C GLU B 73 32.91 -5.74 -0.16
N THR B 74 33.88 -6.37 -0.81
CA THR B 74 34.10 -7.80 -0.68
C THR B 74 34.38 -8.24 0.75
N SER B 75 35.14 -7.43 1.48
CA SER B 75 35.55 -7.77 2.83
C SER B 75 34.38 -7.71 3.82
N ALA B 76 33.36 -6.92 3.49
CA ALA B 76 32.23 -6.72 4.38
C ALA B 76 30.99 -7.47 3.90
N SER B 77 31.12 -8.15 2.76
CA SER B 77 30.04 -8.94 2.18
C SER B 77 28.77 -8.11 1.97
N THR B 78 28.95 -6.86 1.58
CA THR B 78 27.83 -5.93 1.43
C THR B 78 27.81 -5.26 0.07
N ALA B 79 26.65 -5.34 -0.60
CA ALA B 79 26.45 -4.65 -1.86
C ALA B 79 25.89 -3.26 -1.61
N TYR B 80 26.05 -2.35 -2.56
CA TYR B 80 25.59 -0.98 -2.40
C TYR B 80 24.81 -0.46 -3.60
N LEU B 81 23.72 0.25 -3.32
CA LEU B 81 22.94 0.92 -4.37
C LEU B 81 22.93 2.42 -4.12
N GLN B 82 23.52 3.17 -5.05
CA GLN B 82 23.60 4.61 -4.90
C GLN B 82 22.83 5.34 -6.00
N ILE B 83 22.01 6.30 -5.59
CA ILE B 83 21.28 7.13 -6.54
C ILE B 83 21.66 8.60 -6.36
N ASN B 84 22.20 9.21 -7.42
CA ASN B 84 22.63 10.60 -7.38
C ASN B 84 21.59 11.53 -7.99
N ASN B 85 21.61 12.80 -7.54
CA ASN B 85 20.70 13.82 -8.03
C ASN B 85 19.25 13.34 -7.96
N LEU B 86 18.81 13.04 -6.74
CA LEU B 86 17.50 12.42 -6.52
C LEU B 86 16.34 13.26 -7.04
N LYS B 87 15.35 12.57 -7.60
CA LYS B 87 14.16 13.21 -8.14
C LYS B 87 12.90 12.65 -7.48
N ASN B 88 11.75 13.24 -7.78
CA ASN B 88 10.48 12.82 -7.20
C ASN B 88 10.12 11.39 -7.59
N GLU B 89 10.51 10.99 -8.80
CA GLU B 89 10.20 9.67 -9.32
C GLU B 89 11.03 8.58 -8.63
N ASP B 90 12.05 8.99 -7.89
CA ASP B 90 12.92 8.05 -7.20
C ASP B 90 12.28 7.55 -5.90
N THR B 91 11.19 8.20 -5.49
CA THR B 91 10.48 7.78 -4.29
C THR B 91 9.89 6.39 -4.46
N ALA B 92 10.55 5.40 -3.87
CA ALA B 92 10.15 4.01 -4.00
C ALA B 92 10.83 3.13 -2.96
N THR B 93 10.46 1.85 -2.95
CA THR B 93 11.15 0.87 -2.12
C THR B 93 12.13 0.09 -2.99
N TYR B 94 13.35 -0.06 -2.51
CA TYR B 94 14.39 -0.73 -3.29
C TYR B 94 14.82 -2.05 -2.66
N PHE B 95 14.46 -3.14 -3.32
CA PHE B 95 14.80 -4.49 -2.84
C PHE B 95 16.14 -4.97 -3.39
N CYS B 96 16.86 -5.75 -2.59
CA CYS B 96 18.02 -6.46 -3.09
C CYS B 96 17.74 -7.96 -3.02
N ALA B 97 18.12 -8.68 -4.07
CA ALA B 97 17.85 -10.12 -4.14
C ALA B 97 19.06 -10.87 -4.67
N ARG B 98 19.40 -11.97 -4.02
CA ARG B 98 20.52 -12.79 -4.43
C ARG B 98 20.21 -13.50 -5.74
N GLY B 99 21.18 -13.49 -6.66
CA GLY B 99 21.01 -14.11 -7.95
C GLY B 99 21.42 -15.57 -7.96
N SER B 100 20.45 -16.46 -8.08
CA SER B 100 20.71 -17.89 -8.16
C SER B 100 20.69 -18.35 -9.61
N GLU B 101 20.77 -19.66 -9.82
CA GLU B 101 20.72 -20.23 -11.17
C GLU B 101 19.35 -20.00 -11.79
N PHE B 102 19.26 -20.20 -13.09
CA PHE B 102 18.01 -20.03 -13.85
C PHE B 102 17.45 -18.61 -13.72
N GLY B 103 18.33 -17.64 -13.54
CA GLY B 103 17.95 -16.23 -13.49
C GLY B 103 16.83 -15.89 -12.52
N ARG B 104 16.76 -16.63 -11.42
CA ARG B 104 15.70 -16.41 -10.44
C ARG B 104 16.15 -15.46 -9.34
N LEU B 105 15.21 -14.71 -8.79
CA LEU B 105 15.50 -13.81 -7.67
C LEU B 105 15.07 -14.46 -6.37
N VAL B 106 16.05 -14.85 -5.55
CA VAL B 106 15.77 -15.63 -4.35
C VAL B 106 16.35 -14.94 -3.11
N TYR B 107 15.74 -15.20 -1.96
CA TYR B 107 16.15 -14.61 -0.68
C TYR B 107 16.10 -13.08 -0.74
N TRP B 108 14.92 -12.56 -1.03
CA TRP B 108 14.72 -11.11 -1.12
C TRP B 108 14.99 -10.41 0.21
N GLY B 109 15.43 -9.16 0.13
CA GLY B 109 15.63 -8.36 1.31
C GLY B 109 14.31 -7.76 1.76
N GLN B 110 14.30 -7.12 2.93
CA GLN B 110 13.08 -6.51 3.45
C GLN B 110 12.75 -5.24 2.67
N GLY B 111 13.72 -4.72 1.95
CA GLY B 111 13.54 -3.52 1.17
C GLY B 111 13.84 -2.27 1.95
N ALA B 112 14.42 -1.28 1.28
CA ALA B 112 14.75 0.00 1.90
C ALA B 112 13.96 1.13 1.25
N SER B 113 13.14 1.80 2.03
CA SER B 113 12.29 2.88 1.53
C SER B 113 13.07 4.17 1.34
N VAL B 114 12.86 4.82 0.20
CA VAL B 114 13.48 6.11 -0.08
C VAL B 114 12.42 7.16 -0.37
N THR B 115 12.42 8.24 0.41
CA THR B 115 11.43 9.30 0.24
C THR B 115 12.10 10.60 -0.18
N VAL B 116 11.79 11.06 -1.39
CA VAL B 116 12.35 12.30 -1.90
C VAL B 116 11.35 13.45 -1.76
N SER B 117 11.64 14.37 -0.85
CA SER B 117 10.76 15.50 -0.59
C SER B 117 11.50 16.66 0.06
N SER B 118 10.90 17.83 0.01
CA SER B 118 11.50 19.02 0.62
C SER B 118 10.92 19.30 2.01
N ALA B 119 9.84 18.60 2.33
CA ALA B 119 9.13 18.80 3.59
C ALA B 119 10.02 18.54 4.81
N LYS B 120 9.81 19.32 5.86
CA LYS B 120 10.53 19.13 7.12
C LYS B 120 9.78 18.16 8.02
N THR B 121 10.48 17.64 9.03
CA THR B 121 9.86 16.74 10.00
C THR B 121 8.74 17.44 10.76
N THR B 122 7.52 16.94 10.59
CA THR B 122 6.35 17.60 11.17
C THR B 122 5.48 16.63 11.95
N ALA B 123 5.15 17.02 13.18
CA ALA B 123 4.27 16.21 14.04
C ALA B 123 2.83 16.28 13.55
N PRO B 124 2.08 15.18 13.72
CA PRO B 124 0.69 15.11 13.28
C PRO B 124 -0.27 15.91 14.16
N SER B 125 -1.42 16.26 13.61
CA SER B 125 -2.47 16.93 14.37
C SER B 125 -3.62 15.96 14.62
N VAL B 126 -3.58 15.29 15.76
CA VAL B 126 -4.57 14.29 16.11
C VAL B 126 -5.89 14.93 16.53
N TYR B 127 -6.95 14.63 15.78
CA TYR B 127 -8.26 15.21 16.05
C TYR B 127 -9.32 14.13 16.20
N PRO B 128 -10.08 14.18 17.31
CA PRO B 128 -11.16 13.22 17.59
C PRO B 128 -12.37 13.43 16.68
N LEU B 129 -12.97 12.34 16.22
CA LEU B 129 -14.13 12.42 15.33
C LEU B 129 -15.36 11.76 15.95
N ALA B 130 -16.27 12.58 16.47
CA ALA B 130 -17.50 12.09 17.05
C ALA B 130 -18.69 12.42 16.15
N PRO B 131 -19.64 11.53 16.06
CA PRO B 131 -20.81 11.72 15.21
C PRO B 131 -21.70 12.81 15.72
N VAL B 132 -22.75 13.11 14.99
CA VAL B 132 -23.65 14.17 15.42
C VAL B 132 -24.64 13.66 16.46
N CYS B 133 -25.11 14.56 17.31
CA CYS B 133 -26.05 14.18 18.36
C CYS B 133 -27.19 13.36 17.82
N GLY B 134 -27.41 13.44 16.52
CA GLY B 134 -28.46 12.68 15.89
C GLY B 134 -27.94 11.73 14.82
N THR B 137 -28.29 7.38 16.96
CA THR B 137 -29.43 6.50 16.75
C THR B 137 -29.04 5.28 15.91
N GLY B 138 -29.39 4.10 16.39
CA GLY B 138 -29.09 2.87 15.69
C GLY B 138 -28.55 1.81 16.62
N SER B 139 -28.08 0.70 16.06
CA SER B 139 -27.52 -0.39 16.84
C SER B 139 -26.05 -0.13 17.18
N SER B 140 -25.26 0.13 16.15
CA SER B 140 -23.84 0.38 16.34
C SER B 140 -23.51 1.87 16.15
N VAL B 141 -22.32 2.26 16.59
CA VAL B 141 -21.87 3.64 16.44
C VAL B 141 -20.41 3.67 15.98
N THR B 142 -20.15 4.40 14.90
CA THR B 142 -18.82 4.50 14.35
C THR B 142 -18.10 5.76 14.81
N LEU B 143 -16.92 5.58 15.43
CA LEU B 143 -16.09 6.70 15.84
C LEU B 143 -14.89 6.82 14.90
N GLY B 144 -14.20 7.96 14.97
CA GLY B 144 -13.07 8.18 14.09
C GLY B 144 -11.93 8.96 14.74
N CYS B 145 -10.77 8.93 14.11
CA CYS B 145 -9.60 9.66 14.58
C CYS B 145 -8.83 10.24 13.41
N LEU B 146 -8.76 11.57 13.34
CA LEU B 146 -8.10 12.25 12.23
C LEU B 146 -6.64 12.57 12.54
N VAL B 147 -5.75 12.07 11.69
CA VAL B 147 -4.33 12.35 11.82
C VAL B 147 -3.86 13.18 10.63
N LYS B 148 -3.74 14.49 10.83
CA LYS B 148 -3.53 15.41 9.71
C LYS B 148 -2.14 16.05 9.70
N GLY B 149 -1.55 16.10 8.50
CA GLY B 149 -0.33 16.85 8.26
C GLY B 149 0.90 16.44 9.06
N TYR B 150 1.41 15.24 8.80
CA TYR B 150 2.64 14.80 9.45
C TYR B 150 3.68 14.38 8.41
N PHE B 151 4.94 14.38 8.83
CA PHE B 151 6.04 13.97 7.96
C PHE B 151 7.26 13.60 8.79
N PRO B 152 7.90 12.46 8.45
CA PRO B 152 7.45 11.57 7.39
C PRO B 152 6.66 10.37 7.90
N GLU B 153 6.60 9.32 7.09
CA GLU B 153 6.03 8.05 7.51
C GLU B 153 7.06 7.32 8.37
N PRO B 154 6.61 6.38 9.24
CA PRO B 154 5.21 6.00 9.48
C PRO B 154 4.62 6.63 10.72
N VAL B 155 3.39 6.22 11.03
CA VAL B 155 2.74 6.60 12.28
C VAL B 155 1.95 5.39 12.77
N THR B 156 1.78 5.27 14.08
CA THR B 156 1.07 4.13 14.64
C THR B 156 -0.22 4.55 15.33
N LEU B 157 -1.33 3.95 14.92
CA LEU B 157 -2.63 4.27 15.50
C LEU B 157 -3.27 3.01 16.08
N THR B 158 -3.53 3.04 17.38
CA THR B 158 -4.23 1.94 18.06
C THR B 158 -5.39 2.49 18.87
N TRP B 159 -6.41 1.66 19.08
CA TRP B 159 -7.57 2.06 19.86
C TRP B 159 -7.54 1.42 21.25
N ASN B 160 -7.56 2.26 22.28
CA ASN B 160 -7.50 1.82 23.67
C ASN B 160 -6.31 0.91 23.93
N SER B 161 -5.12 1.40 23.58
CA SER B 161 -3.86 0.68 23.78
C SER B 161 -3.85 -0.68 23.08
N GLY B 162 -4.50 -0.76 21.92
CA GLY B 162 -4.49 -1.97 21.12
C GLY B 162 -5.45 -3.05 21.59
N SER B 163 -6.21 -2.75 22.65
CA SER B 163 -7.17 -3.70 23.18
C SER B 163 -8.41 -3.78 22.28
N LEU B 164 -8.65 -2.72 21.53
CA LEU B 164 -9.80 -2.65 20.63
C LEU B 164 -9.34 -2.83 19.18
N SER B 165 -9.49 -4.05 18.67
CA SER B 165 -8.99 -4.40 17.35
C SER B 165 -10.10 -4.61 16.33
N SER B 166 -11.17 -5.28 16.76
CA SER B 166 -12.29 -5.58 15.87
C SER B 166 -13.06 -4.33 15.46
N GLY B 167 -13.58 -4.34 14.24
CA GLY B 167 -14.36 -3.22 13.73
C GLY B 167 -13.54 -1.96 13.54
N VAL B 168 -12.28 -2.13 13.15
CA VAL B 168 -11.38 -0.99 12.97
C VAL B 168 -10.86 -0.91 11.54
N HIS B 169 -11.03 0.24 10.90
CA HIS B 169 -10.50 0.47 9.56
C HIS B 169 -9.50 1.62 9.57
N THR B 170 -8.22 1.29 9.50
CA THR B 170 -7.18 2.31 9.38
C THR B 170 -6.86 2.56 7.92
N PHE B 171 -7.19 3.76 7.44
CA PHE B 171 -7.03 4.10 6.03
C PHE B 171 -5.60 4.53 5.72
N PRO B 172 -5.09 4.11 4.55
CA PRO B 172 -3.73 4.44 4.10
C PRO B 172 -3.48 5.94 4.03
N ALA B 173 -2.28 6.36 4.40
CA ALA B 173 -1.91 7.77 4.40
C ALA B 173 -1.90 8.33 2.97
N VAL B 174 -2.47 9.53 2.82
CA VAL B 174 -2.50 10.18 1.52
C VAL B 174 -1.78 11.52 1.58
N LEU B 175 -1.00 11.81 0.54
CA LEU B 175 -0.19 13.01 0.50
C LEU B 175 -1.01 14.25 0.10
N GLN B 176 -0.84 15.34 0.84
CA GLN B 176 -1.49 16.60 0.53
C GLN B 176 -0.58 17.77 0.88
N SER B 177 -0.11 18.48 -0.14
CA SER B 177 0.87 19.55 0.02
C SER B 177 2.11 19.05 0.77
N ASP B 178 2.65 17.94 0.30
CA ASP B 178 3.89 17.35 0.80
C ASP B 178 3.78 16.79 2.23
N LEU B 179 2.59 16.79 2.79
CA LEU B 179 2.36 16.21 4.11
C LEU B 179 1.39 15.04 4.07
N TYR B 180 1.56 14.08 4.97
CA TYR B 180 0.71 12.91 5.02
C TYR B 180 -0.51 13.12 5.91
N THR B 181 -1.65 12.58 5.48
CA THR B 181 -2.87 12.63 6.28
C THR B 181 -3.47 11.24 6.40
N LEU B 182 -3.72 10.82 7.64
CA LEU B 182 -4.25 9.48 7.91
C LEU B 182 -5.53 9.56 8.73
N SER B 183 -6.40 8.57 8.54
CA SER B 183 -7.64 8.50 9.30
C SER B 183 -7.97 7.05 9.64
N SER B 184 -8.67 6.85 10.76
CA SER B 184 -9.05 5.52 11.21
C SER B 184 -10.45 5.51 11.82
N SER B 185 -11.24 4.50 11.46
CA SER B 185 -12.59 4.38 11.99
C SER B 185 -12.71 3.18 12.91
N VAL B 186 -13.52 3.32 13.96
CA VAL B 186 -13.80 2.20 14.85
C VAL B 186 -15.30 2.11 15.12
N THR B 187 -15.87 0.93 14.91
CA THR B 187 -17.30 0.73 15.09
C THR B 187 -17.59 -0.18 16.29
N VAL B 188 -18.31 0.36 17.27
CA VAL B 188 -18.68 -0.40 18.45
C VAL B 188 -20.18 -0.32 18.71
N THR B 189 -20.66 -1.08 19.69
CA THR B 189 -22.07 -1.07 20.02
C THR B 189 -22.46 0.24 20.70
N SER B 190 -23.75 0.52 20.74
CA SER B 190 -24.23 1.76 21.36
C SER B 190 -24.15 1.69 22.88
N SER B 191 -24.06 0.46 23.42
CA SER B 191 -24.09 0.25 24.86
C SER B 191 -22.71 0.40 25.49
N THR B 192 -21.67 0.58 24.68
CA THR B 192 -20.31 0.73 25.20
C THR B 192 -19.77 2.14 25.00
N TRP B 193 -20.41 2.90 24.12
CA TRP B 193 -20.03 4.31 23.92
C TRP B 193 -21.29 5.18 23.90
N PRO B 194 -21.24 6.33 24.60
CA PRO B 194 -20.12 6.87 25.38
C PRO B 194 -20.01 6.29 26.79
N SER B 195 -20.52 5.07 26.98
CA SER B 195 -20.48 4.40 28.27
C SER B 195 -19.05 4.20 28.75
N GLN B 196 -18.18 3.82 27.81
CA GLN B 196 -16.78 3.56 28.14
C GLN B 196 -15.85 4.44 27.30
N SER B 197 -14.62 4.61 27.78
CA SER B 197 -13.67 5.51 27.13
C SER B 197 -13.06 4.90 25.87
N ILE B 198 -13.16 5.63 24.76
CA ILE B 198 -12.53 5.23 23.51
C ILE B 198 -11.42 6.21 23.17
N THR B 199 -10.18 5.77 23.29
CA THR B 199 -9.02 6.64 23.09
C THR B 199 -8.23 6.29 21.84
N CYS B 200 -7.89 7.32 21.06
CA CYS B 200 -7.08 7.14 19.86
C CYS B 200 -5.61 7.33 20.20
N ASN B 201 -4.82 6.27 20.03
CA ASN B 201 -3.40 6.32 20.38
C ASN B 201 -2.50 6.52 19.15
N VAL B 202 -2.10 7.77 18.92
CA VAL B 202 -1.27 8.10 17.77
C VAL B 202 0.16 8.41 18.19
N ALA B 203 1.12 7.70 17.57
CA ALA B 203 2.52 7.89 17.90
C ALA B 203 3.37 8.10 16.64
N HIS B 204 4.01 9.26 16.53
CA HIS B 204 4.88 9.58 15.42
C HIS B 204 6.32 9.70 15.90
N PRO B 205 7.09 8.61 15.79
CA PRO B 205 8.45 8.50 16.35
C PRO B 205 9.46 9.46 15.72
N ALA B 206 9.21 9.88 14.48
CA ALA B 206 10.13 10.75 13.76
C ALA B 206 10.26 12.12 14.43
N SER B 207 9.22 12.51 15.16
CA SER B 207 9.22 13.79 15.87
C SER B 207 9.06 13.59 17.36
N SER B 208 9.21 12.34 17.80
CA SER B 208 9.05 11.97 19.21
C SER B 208 7.70 12.40 19.76
N THR B 209 6.63 12.06 19.04
CA THR B 209 5.29 12.47 19.40
C THR B 209 4.41 11.30 19.83
N LYS B 210 3.83 11.41 21.02
CA LYS B 210 2.85 10.43 21.50
C LYS B 210 1.59 11.13 21.96
N VAL B 211 0.47 10.85 21.31
CA VAL B 211 -0.79 11.52 21.62
C VAL B 211 -1.93 10.54 21.87
N ASP B 212 -2.53 10.64 23.05
CA ASP B 212 -3.73 9.88 23.37
C ASP B 212 -4.96 10.79 23.31
N LYS B 213 -5.90 10.46 22.45
CA LYS B 213 -7.07 11.31 22.24
C LYS B 213 -8.39 10.58 22.48
N LYS B 214 -9.09 10.97 23.53
CA LYS B 214 -10.40 10.40 23.82
C LYS B 214 -11.46 11.04 22.94
N ILE B 215 -12.42 10.23 22.49
CA ILE B 215 -13.52 10.73 21.67
C ILE B 215 -14.70 11.08 22.57
N GLU B 216 -15.01 12.36 22.68
CA GLU B 216 -16.10 12.80 23.51
C GLU B 216 -17.31 13.12 22.70
N PRO B 217 -18.48 13.01 23.32
CA PRO B 217 -19.74 13.35 22.65
C PRO B 217 -19.83 14.83 22.33
N ARG B 218 -20.41 15.16 21.17
CA ARG B 218 -20.56 16.56 20.77
C ARG B 218 -21.51 17.30 21.70
N GLY B 219 -20.94 18.18 22.52
CA GLY B 219 -21.73 18.96 23.47
C GLY B 219 -20.98 19.24 24.75
S SO4 C . -14.45 34.78 4.97
O1 SO4 C . -14.48 34.13 3.66
O2 SO4 C . -13.08 34.80 5.47
O3 SO4 C . -14.95 36.14 4.85
O4 SO4 C . -15.29 34.03 5.90
S SO4 D . 18.79 21.19 4.31
O1 SO4 D . 18.91 21.83 3.01
O2 SO4 D . 19.27 19.82 4.25
O3 SO4 D . 19.59 21.93 5.29
O4 SO4 D . 17.39 21.19 4.74
S SO4 E . 26.99 -21.48 -0.73
O1 SO4 E . 27.69 -20.28 -1.20
O2 SO4 E . 27.44 -22.63 -1.51
O3 SO4 E . 25.55 -21.31 -0.90
O4 SO4 E . 27.29 -21.69 0.69
S SO4 F . 16.87 10.25 -15.59
O1 SO4 F . 16.90 8.98 -16.31
O2 SO4 F . 16.02 11.20 -16.31
O3 SO4 F . 18.23 10.79 -15.50
O4 SO4 F . 16.35 10.04 -14.25
#